data_7ANJ
#
_entry.id   7ANJ
#
_cell.length_a   48.001
_cell.length_b   67.810
_cell.length_c   53.140
_cell.angle_alpha   90.000
_cell.angle_beta   91.790
_cell.angle_gamma   90.000
#
_symmetry.space_group_name_H-M   'P 1 21 1'
#
loop_
_entity.id
_entity.type
_entity.pdbx_description
1 polymer 'Thymidine diphospho-4-keto-rhamnose 3,5-epimerase'
2 non-polymer "GUANOSINE-5'-DIPHOSPHATE-ALPHA-D-MANNOSE"
3 non-polymer "GUANOSINE-5'-DIPHOSPHATE"
4 water water
#
_entity_poly.entity_id   1
_entity_poly.type   'polypeptide(L)'
_entity_poly.pdbx_seq_one_letter_code
;GAMAIEFNIQESKILKGVYIITPNKFRDLRGEIWTAFTSKAVDKLLPNGLKFIHDKFIHSKHNVIRGIHGDVKTYKLATC
VYGEIHQVVVDCRKDSPTYLKYEKFIINQDNQQIILVPAGFGNAHYVTSESAVYYYKCAYKGDYVDAPDQFTYAWNDERI
GIDWPTNSPILSERDILATKNKG
;
_entity_poly.pdbx_strand_id   A,B
#
loop_
_chem_comp.id
_chem_comp.type
_chem_comp.name
_chem_comp.formula
GDD non-polymer GUANOSINE-5'-DIPHOSPHATE-ALPHA-D-MANNOSE 'C16 H25 N5 O16 P2'
GDP RNA linking GUANOSINE-5'-DIPHOSPHATE 'C10 H15 N5 O11 P2'
#
# COMPACT_ATOMS: atom_id res chain seq x y z
N ALA A 4 -1.30 21.20 0.97
CA ALA A 4 -1.59 20.07 1.91
C ALA A 4 -0.79 18.82 1.56
N ILE A 5 -1.05 18.19 0.41
CA ILE A 5 -0.28 17.00 -0.04
C ILE A 5 1.04 17.44 -0.68
N GLU A 6 2.14 17.11 -0.02
CA GLU A 6 3.48 17.54 -0.44
C GLU A 6 4.50 16.42 -0.35
N PHE A 7 5.56 16.54 -1.13
CA PHE A 7 6.66 15.59 -1.14
C PHE A 7 7.97 16.35 -1.06
N ASN A 8 8.82 15.95 -0.12
CA ASN A 8 10.23 16.28 -0.21
C ASN A 8 10.88 15.18 -1.07
N ILE A 9 11.47 15.58 -2.19
CA ILE A 9 12.12 14.68 -3.13
C ILE A 9 13.60 15.04 -3.21
N GLN A 10 14.47 14.11 -2.83
CA GLN A 10 15.92 14.32 -2.82
C GLN A 10 16.60 13.19 -3.56
N GLU A 11 17.56 13.49 -4.42
CA GLU A 11 18.40 12.46 -5.03
C GLU A 11 19.38 11.97 -3.98
N SER A 12 19.68 10.67 -4.01
CA SER A 12 20.67 10.08 -3.13
C SER A 12 22.04 10.75 -3.28
N LYS A 13 22.68 10.88 -2.12
CA LYS A 13 24.04 11.41 -1.93
C LYS A 13 25.17 10.52 -2.48
N ILE A 14 24.88 9.22 -2.61
CA ILE A 14 25.89 8.21 -3.01
C ILE A 14 25.55 7.36 -4.25
N LEU A 15 24.28 7.02 -4.46
CA LEU A 15 23.88 6.21 -5.61
C LEU A 15 23.06 7.04 -6.59
N LYS A 16 23.70 7.41 -7.70
CA LYS A 16 23.08 8.19 -8.78
C LYS A 16 21.84 7.46 -9.34
N GLY A 17 20.72 8.18 -9.42
CA GLY A 17 19.45 7.62 -9.90
C GLY A 17 18.45 7.31 -8.78
N VAL A 18 18.96 7.02 -7.58
CA VAL A 18 18.11 6.71 -6.43
C VAL A 18 17.52 8.01 -5.88
N TYR A 19 16.20 8.04 -5.68
CA TYR A 19 15.52 9.18 -5.04
C TYR A 19 14.95 8.78 -3.68
N ILE A 20 14.98 9.74 -2.75
CA ILE A 20 14.44 9.57 -1.42
C ILE A 20 13.29 10.58 -1.33
N ILE A 21 12.07 10.05 -1.14
CA ILE A 21 10.84 10.82 -1.19
C ILE A 21 10.15 10.70 0.17
N THR A 22 9.93 11.85 0.81
CA THR A 22 9.29 11.91 2.12
C THR A 22 8.01 12.71 1.96
N PRO A 23 6.85 12.09 2.28
CA PRO A 23 5.59 12.82 2.25
C PRO A 23 5.36 13.55 3.56
N ASN A 24 4.44 14.50 3.54
CA ASN A 24 3.90 15.09 4.77
C ASN A 24 2.82 14.17 5.32
N LYS A 25 2.51 14.30 6.62
CA LYS A 25 1.45 13.53 7.28
C LYS A 25 0.60 14.41 8.18
N PHE A 26 -0.71 14.20 8.16
CA PHE A 26 -1.60 14.68 9.20
C PHE A 26 -1.60 13.62 10.29
N ARG A 27 -1.17 14.00 11.50
CA ARG A 27 -1.14 13.13 12.68
C ARG A 27 -2.06 13.68 13.79
N ASP A 28 -2.82 12.80 14.43
CA ASP A 28 -3.51 13.13 15.68
C ASP A 28 -3.56 11.86 16.54
N LEU A 29 -4.32 11.88 17.64
CA LEU A 29 -4.38 10.72 18.55
C LEU A 29 -5.16 9.52 18.01
N ARG A 30 -6.03 9.74 17.01
CA ARG A 30 -6.71 8.64 16.31
C ARG A 30 -5.76 7.88 15.36
N GLY A 31 -4.76 8.59 14.83
CA GLY A 31 -3.74 8.00 13.96
C GLY A 31 -3.21 8.97 12.92
N GLU A 32 -2.94 8.46 11.71
CA GLU A 32 -2.35 9.30 10.66
C GLU A 32 -2.91 9.05 9.28
N ILE A 33 -2.86 10.11 8.48
CA ILE A 33 -3.28 10.11 7.09
C ILE A 33 -2.16 10.69 6.23
N TRP A 34 -1.79 9.98 5.17
CA TRP A 34 -0.73 10.47 4.27
C TRP A 34 -0.85 9.88 2.87
N THR A 35 -0.25 10.58 1.90
CA THR A 35 -0.23 10.17 0.50
C THR A 35 1.16 9.66 0.12
N ALA A 36 1.24 8.39 -0.26
CA ALA A 36 2.53 7.77 -0.61
C ALA A 36 2.97 8.09 -2.03
N PHE A 37 2.02 8.46 -2.89
CA PHE A 37 2.28 8.60 -4.31
C PHE A 37 1.19 9.42 -5.00
N THR A 38 1.61 10.30 -5.90
CA THR A 38 0.73 10.80 -6.96
C THR A 38 1.46 10.60 -8.27
N SER A 39 0.71 10.39 -9.35
CA SER A 39 1.30 10.23 -10.67
C SER A 39 2.08 11.50 -11.06
N LYS A 40 1.48 12.66 -10.84
CA LYS A 40 2.09 13.93 -11.24
C LYS A 40 3.43 14.23 -10.56
N ALA A 41 3.52 14.00 -9.26
CA ALA A 41 4.75 14.26 -8.50
C ALA A 41 5.84 13.20 -8.71
N VAL A 42 5.46 11.94 -8.90
CA VAL A 42 6.40 10.81 -8.82
C VAL A 42 6.70 10.09 -10.15
N ASP A 43 5.69 9.92 -11.03
CA ASP A 43 5.94 9.34 -12.37
C ASP A 43 6.90 10.16 -13.23
N LYS A 44 6.98 11.48 -12.99
CA LYS A 44 7.95 12.35 -13.70
C LYS A 44 9.42 12.00 -13.43
N LEU A 45 9.70 11.33 -12.31
CA LEU A 45 11.04 10.88 -11.98
C LEU A 45 11.52 9.70 -12.83
N LEU A 46 10.58 8.94 -13.40
CA LEU A 46 10.90 7.83 -14.30
C LEU A 46 11.31 8.32 -15.68
N PRO A 47 11.98 7.46 -16.46
CA PRO A 47 12.30 7.85 -17.85
C PRO A 47 11.07 7.97 -18.76
N ASN A 48 11.16 8.93 -19.68
CA ASN A 48 10.13 9.36 -20.62
C ASN A 48 8.98 8.40 -20.87
N GLY A 49 7.80 8.76 -20.41
CA GLY A 49 6.60 8.00 -20.69
C GLY A 49 6.43 6.70 -19.96
N LEU A 50 7.34 6.38 -19.04
CA LEU A 50 7.10 5.27 -18.13
C LEU A 50 6.32 5.68 -16.88
N LYS A 51 5.47 4.77 -16.42
CA LYS A 51 4.63 4.99 -15.25
C LYS A 51 4.63 3.77 -14.34
N PHE A 52 4.48 4.00 -13.03
CA PHE A 52 4.23 2.90 -12.09
C PHE A 52 2.85 2.31 -12.38
N ILE A 53 2.79 0.99 -12.49
CA ILE A 53 1.56 0.29 -12.90
C ILE A 53 1.10 -0.84 -11.97
N HIS A 54 1.86 -1.12 -10.92
CA HIS A 54 1.69 -2.31 -10.07
C HIS A 54 1.81 -1.86 -8.61
N ASP A 55 0.96 -2.40 -7.73
CA ASP A 55 1.10 -2.18 -6.28
C ASP A 55 1.16 -3.52 -5.55
N LYS A 56 2.22 -3.75 -4.77
CA LYS A 56 2.43 -4.99 -4.05
C LYS A 56 2.64 -4.74 -2.56
N PHE A 57 2.23 -5.71 -1.74
CA PHE A 57 2.49 -5.69 -0.31
C PHE A 57 3.16 -6.98 0.12
N ILE A 58 4.13 -6.85 1.02
CA ILE A 58 4.75 -7.98 1.69
C ILE A 58 4.63 -7.77 3.21
N HIS A 59 3.82 -8.61 3.83
CA HIS A 59 3.70 -8.68 5.28
C HIS A 59 4.65 -9.75 5.75
N SER A 60 5.64 -9.38 6.58
CA SER A 60 6.65 -10.31 7.07
C SER A 60 6.83 -10.22 8.58
N LYS A 61 7.12 -11.36 9.20
CA LYS A 61 7.37 -11.43 10.66
C LYS A 61 8.72 -10.84 11.03
N HIS A 62 8.90 -10.63 12.32
CA HIS A 62 10.18 -10.21 12.90
C HIS A 62 11.34 -11.04 12.37
N ASN A 63 12.44 -10.38 12.04
CA ASN A 63 13.70 -11.03 11.67
C ASN A 63 13.73 -11.64 10.26
N VAL A 64 12.67 -11.44 9.47
CA VAL A 64 12.65 -11.91 8.08
C VAL A 64 13.43 -10.91 7.20
N ILE A 65 14.20 -11.46 6.26
CA ILE A 65 14.86 -10.71 5.20
C ILE A 65 14.20 -11.11 3.89
N ARG A 66 14.01 -10.12 3.01
CA ARG A 66 13.61 -10.34 1.63
C ARG A 66 14.67 -9.73 0.72
N GLY A 67 15.09 -10.44 -0.32
CA GLY A 67 16.09 -9.93 -1.27
C GLY A 67 17.37 -10.76 -1.20
N ILE A 68 18.43 -10.35 -1.91
CA ILE A 68 18.51 -9.14 -2.73
C ILE A 68 18.04 -9.49 -4.13
N HIS A 69 17.01 -8.79 -4.63
CA HIS A 69 16.43 -9.07 -5.97
C HIS A 69 16.44 -7.81 -6.83
N GLY A 70 16.69 -7.98 -8.12
CA GLY A 70 16.55 -6.90 -9.09
C GLY A 70 16.61 -7.39 -10.54
N ASP A 71 16.55 -6.44 -11.46
CA ASP A 71 16.74 -6.72 -12.89
C ASP A 71 17.13 -5.41 -13.62
N VAL A 72 17.34 -5.50 -14.94
CA VAL A 72 17.79 -4.33 -15.73
C VAL A 72 16.67 -3.44 -16.31
N LYS A 73 15.41 -3.76 -16.03
CA LYS A 73 14.25 -3.03 -16.57
C LYS A 73 13.28 -2.42 -15.52
N THR A 74 13.12 -3.06 -14.36
CA THR A 74 12.08 -2.70 -13.40
C THR A 74 12.53 -1.61 -12.44
N TYR A 75 11.77 -0.51 -12.42
CA TYR A 75 11.92 0.57 -11.43
C TYR A 75 10.93 0.29 -10.33
N LYS A 76 11.36 0.53 -9.09
CA LYS A 76 10.50 0.28 -7.92
C LYS A 76 10.40 1.51 -7.03
N LEU A 77 9.30 1.61 -6.31
CA LEU A 77 9.09 2.65 -5.29
C LEU A 77 8.67 1.96 -4.02
N ALA A 78 9.48 2.06 -2.96
CA ALA A 78 9.33 1.18 -1.77
C ALA A 78 9.32 1.93 -0.44
N THR A 79 8.43 1.51 0.45
CA THR A 79 8.40 2.01 1.82
C THR A 79 7.78 0.98 2.76
N CYS A 80 7.67 1.34 4.04
CA CYS A 80 7.06 0.50 5.06
C CYS A 80 5.88 1.25 5.66
N VAL A 81 4.69 0.63 5.60
CA VAL A 81 3.44 1.25 6.03
C VAL A 81 2.92 0.73 7.37
N TYR A 82 3.59 -0.28 7.93
CA TYR A 82 3.38 -0.68 9.31
C TYR A 82 4.68 -1.29 9.84
N GLY A 83 5.04 -0.93 11.07
CA GLY A 83 6.24 -1.45 11.73
C GLY A 83 7.49 -0.74 11.26
N GLU A 84 8.62 -1.45 11.28
CA GLU A 84 9.91 -0.88 10.95
C GLU A 84 10.70 -1.86 10.11
N ILE A 85 11.37 -1.34 9.08
CA ILE A 85 12.31 -2.12 8.29
C ILE A 85 13.65 -1.40 8.17
N HIS A 86 14.67 -2.16 7.81
CA HIS A 86 15.88 -1.61 7.23
C HIS A 86 15.80 -1.93 5.74
N GLN A 87 15.69 -0.88 4.95
CA GLN A 87 15.54 -0.96 3.50
C GLN A 87 16.90 -0.77 2.85
N VAL A 88 17.29 -1.67 1.95
CA VAL A 88 18.61 -1.64 1.32
C VAL A 88 18.48 -1.62 -0.21
N VAL A 89 19.28 -0.75 -0.83
CA VAL A 89 19.35 -0.61 -2.27
C VAL A 89 20.81 -0.86 -2.67
N VAL A 90 21.02 -1.70 -3.68
CA VAL A 90 22.37 -2.05 -4.13
C VAL A 90 22.52 -1.75 -5.62
N ASP A 91 23.52 -0.93 -5.98
CA ASP A 91 23.82 -0.62 -7.37
C ASP A 91 24.46 -1.83 -8.03
N CYS A 92 23.72 -2.49 -8.94
CA CYS A 92 24.20 -3.71 -9.62
C CYS A 92 24.41 -3.48 -11.13
N ARG A 93 24.69 -2.24 -11.51
CA ARG A 93 25.06 -1.89 -12.89
C ARG A 93 26.59 -2.01 -12.97
N LYS A 94 27.09 -3.02 -13.71
CA LYS A 94 28.53 -3.36 -13.75
C LYS A 94 29.46 -2.21 -14.16
N ASP A 95 28.97 -1.32 -15.02
CA ASP A 95 29.74 -0.16 -15.49
C ASP A 95 29.69 1.08 -14.57
N SER A 96 28.89 1.02 -13.50
CA SER A 96 28.72 2.17 -12.59
C SER A 96 29.97 2.40 -11.73
N PRO A 97 30.29 3.68 -11.42
CA PRO A 97 31.39 3.92 -10.47
C PRO A 97 31.09 3.49 -9.03
N THR A 98 29.80 3.38 -8.67
CA THR A 98 29.37 2.85 -7.38
C THR A 98 28.81 1.41 -7.47
N TYR A 99 29.32 0.61 -8.43
CA TYR A 99 28.91 -0.79 -8.56
C TYR A 99 29.12 -1.56 -7.25
N LEU A 100 28.10 -2.29 -6.83
CA LEU A 100 28.05 -3.06 -5.58
C LEU A 100 28.16 -2.25 -4.28
N LYS A 101 28.07 -0.93 -4.37
CA LYS A 101 27.87 -0.08 -3.20
C LYS A 101 26.38 -0.11 -2.88
N TYR A 102 26.06 0.14 -1.61
CA TYR A 102 24.67 0.13 -1.17
C TYR A 102 24.32 1.35 -0.34
N GLU A 103 23.03 1.56 -0.18
CA GLU A 103 22.50 2.55 0.75
C GLU A 103 21.39 1.91 1.56
N LYS A 104 21.38 2.20 2.85
CA LYS A 104 20.44 1.63 3.79
C LYS A 104 19.61 2.74 4.41
N PHE A 105 18.33 2.45 4.65
CA PHE A 105 17.38 3.39 5.24
C PHE A 105 16.56 2.67 6.30
N ILE A 106 16.44 3.28 7.47
CA ILE A 106 15.59 2.76 8.53
C ILE A 106 14.25 3.47 8.35
N ILE A 107 13.22 2.71 7.98
CA ILE A 107 11.92 3.28 7.61
C ILE A 107 10.88 2.81 8.63
N ASN A 108 10.17 3.78 9.21
CA ASN A 108 9.05 3.52 10.11
C ASN A 108 8.08 4.71 10.05
N GLN A 109 7.05 4.74 10.89
CA GLN A 109 6.04 5.82 10.80
C GLN A 109 6.56 7.22 11.09
N ASP A 110 7.64 7.33 11.86
CA ASP A 110 8.31 8.63 12.15
C ASP A 110 9.42 8.98 11.16
N ASN A 111 9.77 8.06 10.27
CA ASN A 111 10.77 8.26 9.21
C ASN A 111 10.25 7.64 7.92
N GLN A 112 9.26 8.30 7.32
CA GLN A 112 8.49 7.73 6.22
C GLN A 112 9.16 7.97 4.86
N GLN A 113 10.40 7.54 4.73
CA GLN A 113 11.11 7.65 3.46
C GLN A 113 10.55 6.63 2.48
N ILE A 114 10.40 7.07 1.24
CA ILE A 114 9.92 6.24 0.15
C ILE A 114 11.05 6.26 -0.88
N ILE A 115 11.56 5.08 -1.22
CA ILE A 115 12.78 4.97 -2.01
C ILE A 115 12.46 4.57 -3.44
N LEU A 116 12.86 5.41 -4.40
CA LEU A 116 12.79 5.04 -5.81
C LEU A 116 14.05 4.27 -6.18
N VAL A 117 13.89 2.99 -6.50
CA VAL A 117 15.00 2.07 -6.76
C VAL A 117 15.04 1.89 -8.28
N PRO A 118 16.07 2.45 -8.97
CA PRO A 118 16.05 2.34 -10.43
C PRO A 118 16.30 0.94 -10.98
N ALA A 119 16.07 0.79 -12.28
CA ALA A 119 16.46 -0.41 -13.01
C ALA A 119 17.95 -0.67 -12.85
N GLY A 120 18.32 -1.94 -12.72
CA GLY A 120 19.71 -2.33 -12.49
C GLY A 120 20.18 -2.18 -11.04
N PHE A 121 19.24 -2.07 -10.09
CA PHE A 121 19.55 -2.06 -8.66
C PHE A 121 18.94 -3.27 -7.99
N GLY A 122 19.66 -3.83 -7.03
CA GLY A 122 19.12 -4.87 -6.14
C GLY A 122 18.33 -4.24 -5.02
N ASN A 123 17.26 -4.93 -4.61
CA ASN A 123 16.34 -4.44 -3.59
C ASN A 123 16.25 -5.45 -2.46
N ALA A 124 16.23 -4.96 -1.23
CA ALA A 124 16.10 -5.84 -0.07
C ALA A 124 15.60 -5.11 1.16
N HIS A 125 14.96 -5.85 2.06
CA HIS A 125 14.60 -5.29 3.37
C HIS A 125 14.61 -6.33 4.47
N TYR A 126 14.78 -5.84 5.70
CA TYR A 126 14.82 -6.64 6.91
C TYR A 126 13.86 -6.06 7.93
N VAL A 127 13.11 -6.92 8.61
CA VAL A 127 12.08 -6.49 9.58
C VAL A 127 12.65 -6.49 11.02
N THR A 128 12.71 -5.30 11.63
CA THR A 128 13.15 -5.14 13.03
C THR A 128 12.01 -5.16 14.05
N SER A 129 10.83 -4.69 13.65
CA SER A 129 9.62 -4.72 14.51
C SER A 129 9.04 -6.14 14.61
N GLU A 130 7.98 -6.29 15.41
CA GLU A 130 7.31 -7.59 15.60
C GLU A 130 6.85 -8.18 14.28
N SER A 131 6.20 -7.35 13.46
CA SER A 131 5.97 -7.62 12.04
C SER A 131 5.98 -6.31 11.27
N ALA A 132 6.04 -6.40 9.95
CA ALA A 132 6.01 -5.21 9.10
C ALA A 132 5.26 -5.43 7.81
N VAL A 133 4.62 -4.38 7.32
CA VAL A 133 4.02 -4.39 5.99
C VAL A 133 4.87 -3.49 5.08
N TYR A 134 5.44 -4.14 4.08
CA TYR A 134 6.25 -3.51 3.04
C TYR A 134 5.32 -3.14 1.91
N TYR A 135 5.42 -1.92 1.40
CA TYR A 135 4.63 -1.47 0.23
C TYR A 135 5.59 -1.10 -0.86
N TYR A 136 5.38 -1.65 -2.06
CA TYR A 136 6.10 -1.14 -3.23
C TYR A 136 5.36 -1.14 -4.56
N LYS A 137 5.67 -0.12 -5.37
CA LYS A 137 5.14 0.05 -6.71
C LYS A 137 6.19 -0.40 -7.71
N CYS A 138 5.75 -0.85 -8.89
CA CYS A 138 6.66 -1.32 -9.95
C CYS A 138 6.34 -0.63 -11.27
N ALA A 139 7.40 -0.27 -12.00
CA ALA A 139 7.27 0.31 -13.34
C ALA A 139 8.23 -0.39 -14.29
N TYR A 140 7.75 -0.79 -15.45
CA TYR A 140 8.61 -1.42 -16.45
C TYR A 140 7.99 -1.40 -17.83
N LYS A 141 8.85 -1.36 -18.84
CA LYS A 141 8.44 -1.52 -20.23
C LYS A 141 8.27 -3.01 -20.50
N GLY A 142 7.30 -3.36 -21.34
CA GLY A 142 7.08 -4.77 -21.75
C GLY A 142 6.41 -5.61 -20.68
N ASP A 143 5.15 -5.98 -20.92
CA ASP A 143 4.30 -6.60 -19.89
C ASP A 143 4.27 -8.15 -19.89
N TYR A 144 4.40 -8.76 -21.06
CA TYR A 144 4.00 -10.17 -21.22
C TYR A 144 5.04 -11.28 -20.99
N VAL A 145 6.33 -10.94 -20.97
CA VAL A 145 7.39 -11.93 -20.70
C VAL A 145 8.04 -11.66 -19.33
N GLN A 150 17.68 -10.40 -14.87
CA GLN A 150 17.15 -10.71 -13.54
C GLN A 150 18.21 -11.37 -12.65
N PHE A 151 18.38 -10.85 -11.44
CA PHE A 151 19.45 -11.29 -10.55
C PHE A 151 18.98 -11.35 -9.10
N THR A 152 19.52 -12.32 -8.36
CA THR A 152 19.29 -12.44 -6.92
C THR A 152 20.63 -12.68 -6.22
N TYR A 153 21.00 -11.77 -5.31
CA TYR A 153 22.23 -11.89 -4.54
C TYR A 153 21.89 -12.31 -3.13
N ALA A 154 22.78 -13.08 -2.51
CA ALA A 154 22.60 -13.48 -1.12
C ALA A 154 22.62 -12.24 -0.21
N TRP A 155 21.77 -12.26 0.81
CA TRP A 155 21.66 -11.17 1.79
C TRP A 155 23.00 -10.76 2.38
N ASN A 156 23.87 -11.75 2.60
CA ASN A 156 25.19 -11.52 3.20
C ASN A 156 26.37 -11.74 2.23
N ASP A 157 26.13 -11.49 0.94
CA ASP A 157 27.19 -11.54 -0.08
C ASP A 157 28.37 -10.68 0.37
N GLU A 158 29.54 -11.30 0.46
CA GLU A 158 30.77 -10.65 0.94
C GLU A 158 31.23 -9.46 0.08
N ARG A 159 30.93 -9.50 -1.22
CA ARG A 159 31.32 -8.42 -2.13
C ARG A 159 30.53 -7.11 -1.85
N ILE A 160 29.31 -7.23 -1.36
CA ILE A 160 28.49 -6.06 -0.99
C ILE A 160 28.79 -5.68 0.47
N GLY A 161 28.75 -6.68 1.36
CA GLY A 161 29.12 -6.49 2.77
C GLY A 161 28.14 -5.63 3.56
N ILE A 162 26.85 -5.91 3.42
CA ILE A 162 25.80 -5.10 4.05
C ILE A 162 25.83 -5.29 5.57
N ASP A 163 25.81 -4.16 6.28
CA ASP A 163 25.74 -4.15 7.73
C ASP A 163 24.26 -4.29 8.14
N TRP A 164 23.80 -5.53 8.20
CA TRP A 164 22.45 -5.83 8.67
C TRP A 164 22.46 -5.80 10.19
N PRO A 165 21.31 -5.45 10.82
CA PRO A 165 21.25 -5.45 12.29
C PRO A 165 21.16 -6.83 12.94
N THR A 166 21.33 -7.92 12.17
CA THR A 166 21.48 -9.27 12.72
C THR A 166 22.46 -10.10 11.89
N ASN A 167 22.91 -11.20 12.49
CA ASN A 167 23.69 -12.23 11.80
C ASN A 167 22.90 -13.51 11.52
N SER A 168 21.70 -13.63 12.08
CA SER A 168 20.86 -14.81 11.91
C SER A 168 19.42 -14.41 11.57
N PRO A 169 19.22 -13.92 10.33
CA PRO A 169 17.87 -13.61 9.83
C PRO A 169 17.12 -14.86 9.36
N ILE A 170 15.81 -14.77 9.33
CA ILE A 170 14.98 -15.81 8.73
C ILE A 170 15.00 -15.63 7.21
N LEU A 171 15.50 -16.65 6.52
CA LEU A 171 15.62 -16.68 5.05
C LEU A 171 14.66 -17.66 4.38
N SER A 172 14.15 -18.63 5.13
CA SER A 172 13.24 -19.64 4.61
C SER A 172 12.22 -20.01 5.67
N GLU A 173 11.19 -20.72 5.25
CA GLU A 173 10.17 -21.23 6.15
C GLU A 173 10.78 -22.10 7.24
N ARG A 174 11.70 -23.01 6.86
CA ARG A 174 12.38 -23.90 7.82
C ARG A 174 13.19 -23.18 8.90
N ASP A 175 13.70 -21.98 8.59
CA ASP A 175 14.41 -21.16 9.59
C ASP A 175 13.52 -20.71 10.76
N ILE A 176 12.24 -20.44 10.49
CA ILE A 176 11.37 -19.77 11.48
C ILE A 176 10.80 -20.75 12.50
N LEU A 177 10.82 -22.04 12.15
CA LEU A 177 10.44 -23.12 13.05
C LEU A 177 11.38 -23.18 14.26
N ALA A 178 12.67 -22.88 14.04
CA ALA A 178 13.66 -22.84 15.12
C ALA A 178 13.36 -21.78 16.20
N THR A 179 12.81 -20.64 15.78
CA THR A 179 12.43 -19.56 16.69
C THR A 179 11.00 -19.78 17.17
N ALA B 4 1.62 -16.95 -10.12
CA ALA B 4 0.96 -16.00 -11.07
C ALA B 4 0.07 -14.96 -10.35
N ILE B 5 0.17 -13.73 -10.82
CA ILE B 5 -0.60 -12.59 -10.31
C ILE B 5 -2.01 -12.59 -10.92
N GLU B 6 -3.03 -12.79 -10.08
CA GLU B 6 -4.41 -12.95 -10.52
C GLU B 6 -5.40 -12.19 -9.63
N PHE B 7 -6.55 -11.86 -10.22
CA PHE B 7 -7.61 -11.16 -9.51
C PHE B 7 -8.93 -11.90 -9.71
N ILE B 9 -12.50 -10.73 -9.82
CA ILE B 9 -13.23 -9.47 -9.99
C ILE B 9 -14.72 -9.77 -10.15
N GLN B 10 -15.53 -9.31 -9.20
CA GLN B 10 -16.98 -9.55 -9.19
C GLN B 10 -17.69 -8.23 -8.98
N GLU B 11 -18.73 -7.98 -9.78
CA GLU B 11 -19.59 -6.82 -9.55
C GLU B 11 -20.49 -7.13 -8.36
N SER B 12 -20.74 -6.12 -7.53
CA SER B 12 -21.63 -6.27 -6.39
C SER B 12 -23.05 -6.67 -6.87
N LYS B 13 -23.70 -7.57 -6.15
CA LYS B 13 -25.06 -7.96 -6.50
C LYS B 13 -26.12 -7.04 -5.89
N ILE B 14 -25.73 -6.05 -5.09
CA ILE B 14 -26.72 -5.09 -4.60
C ILE B 14 -26.49 -3.66 -5.05
N LEU B 15 -25.23 -3.21 -5.14
CA LEU B 15 -24.94 -1.85 -5.58
C LEU B 15 -24.24 -1.82 -6.94
N LYS B 16 -24.99 -1.44 -7.97
CA LYS B 16 -24.51 -1.36 -9.35
C LYS B 16 -23.33 -0.39 -9.46
N GLY B 17 -22.24 -0.85 -10.08
CA GLY B 17 -21.01 -0.06 -10.20
C GLY B 17 -19.91 -0.47 -9.23
N VAL B 18 -20.26 -1.02 -8.08
CA VAL B 18 -19.30 -1.47 -7.07
C VAL B 18 -18.69 -2.80 -7.50
N TYR B 19 -17.35 -2.90 -7.47
CA TYR B 19 -16.64 -4.14 -7.76
C TYR B 19 -15.92 -4.65 -6.51
N ILE B 20 -15.88 -5.97 -6.37
CA ILE B 20 -15.21 -6.65 -5.27
C ILE B 20 -14.09 -7.44 -5.92
N ILE B 21 -12.85 -7.08 -5.57
CA ILE B 21 -11.65 -7.59 -6.21
C ILE B 21 -10.84 -8.31 -5.13
N THR B 22 -10.58 -9.59 -5.35
CA THR B 22 -9.81 -10.41 -4.44
C THR B 22 -8.57 -10.87 -5.19
N PRO B 23 -7.36 -10.54 -4.68
CA PRO B 23 -6.14 -11.04 -5.29
C PRO B 23 -5.79 -12.43 -4.75
N ASN B 24 -4.92 -13.14 -5.46
CA ASN B 24 -4.30 -14.34 -4.87
C ASN B 24 -3.12 -13.90 -3.99
N LYS B 25 -2.71 -14.79 -3.09
CA LYS B 25 -1.57 -14.56 -2.21
C LYS B 25 -0.67 -15.77 -2.15
N PHE B 26 0.64 -15.54 -2.14
CA PHE B 26 1.60 -16.53 -1.67
C PHE B 26 1.73 -16.35 -0.16
N ARG B 27 1.41 -17.42 0.58
CA ARG B 27 1.53 -17.45 2.03
C ARG B 27 2.47 -18.54 2.50
N ASP B 28 3.28 -18.21 3.50
CA ASP B 28 4.05 -19.21 4.24
C ASP B 28 4.21 -18.72 5.68
N LEU B 29 5.04 -19.39 6.48
CA LEU B 29 5.21 -19.01 7.89
C LEU B 29 6.01 -17.72 8.11
N ARG B 30 6.77 -17.27 7.10
CA ARG B 30 7.43 -15.95 7.16
C ARG B 30 6.43 -14.81 6.96
N GLY B 31 5.36 -15.08 6.21
CA GLY B 31 4.29 -14.11 6.00
C GLY B 31 3.63 -14.24 4.63
N GLU B 32 3.30 -13.10 4.03
CA GLU B 32 2.44 -13.03 2.85
C GLU B 32 3.01 -12.08 1.78
N ILE B 33 2.91 -12.47 0.50
CA ILE B 33 3.24 -11.59 -0.64
C ILE B 33 2.01 -11.55 -1.58
N TRP B 34 1.57 -10.35 -1.96
CA TRP B 34 0.43 -10.20 -2.87
C TRP B 34 0.41 -8.86 -3.61
N THR B 35 -0.30 -8.83 -4.75
CA THR B 35 -0.46 -7.63 -5.58
C THR B 35 -1.87 -7.05 -5.42
N ALA B 36 -1.96 -5.83 -4.92
CA ALA B 36 -3.24 -5.15 -4.69
C ALA B 36 -3.83 -4.54 -5.95
N PHE B 37 -2.99 -4.26 -6.94
CA PHE B 37 -3.40 -3.53 -8.12
C PHE B 37 -2.42 -3.69 -9.28
N THR B 38 -2.95 -3.86 -10.48
CA THR B 38 -2.21 -3.55 -11.71
C THR B 38 -3.07 -2.63 -12.54
N SER B 39 -2.43 -1.77 -13.32
CA SER B 39 -3.16 -0.86 -14.20
C SER B 39 -4.01 -1.65 -15.21
N LYS B 40 -3.40 -2.67 -15.82
CA LYS B 40 -4.06 -3.47 -16.87
C LYS B 40 -5.33 -4.18 -16.39
N ALA B 41 -5.28 -4.80 -15.22
CA ALA B 41 -6.43 -5.51 -14.67
C ALA B 41 -7.52 -4.61 -14.08
N VAL B 42 -7.13 -3.47 -13.47
CA VAL B 42 -8.03 -2.67 -12.61
C VAL B 42 -8.46 -1.30 -13.19
N ASP B 43 -7.55 -0.58 -13.85
CA ASP B 43 -7.92 0.68 -14.52
C ASP B 43 -8.99 0.53 -15.62
N LYS B 44 -9.06 -0.65 -16.24
CA LYS B 44 -10.13 -0.97 -17.22
C LYS B 44 -11.55 -0.94 -16.66
N LEU B 45 -11.69 -1.11 -15.35
CA LEU B 45 -12.98 -1.02 -14.66
C LEU B 45 -13.51 0.42 -14.56
N LEU B 46 -12.63 1.42 -14.62
CA LEU B 46 -13.04 2.82 -14.60
C LEU B 46 -13.61 3.27 -15.94
N PRO B 47 -14.36 4.39 -15.95
CA PRO B 47 -14.85 4.92 -17.23
C PRO B 47 -13.76 5.52 -18.14
N ASN B 48 -14.01 5.46 -19.45
CA ASN B 48 -13.36 6.32 -20.46
C ASN B 48 -11.87 6.66 -20.23
N GLY B 49 -11.06 5.61 -20.05
CA GLY B 49 -9.61 5.78 -19.92
C GLY B 49 -9.10 6.46 -18.64
N LEU B 50 -9.99 6.77 -17.70
CA LEU B 50 -9.64 7.33 -16.38
C LEU B 50 -8.75 6.31 -15.69
N LYS B 51 -7.82 6.79 -14.88
CA LYS B 51 -6.84 5.94 -14.20
C LYS B 51 -6.70 6.35 -12.76
N PHE B 52 -6.42 5.38 -11.89
CA PHE B 52 -6.04 5.68 -10.51
C PHE B 52 -4.69 6.37 -10.53
N ILE B 53 -4.60 7.49 -9.81
CA ILE B 53 -3.40 8.35 -9.82
C ILE B 53 -2.81 8.68 -8.44
N HIS B 54 -3.46 8.19 -7.38
CA HIS B 54 -3.20 8.62 -6.01
C HIS B 54 -3.12 7.37 -5.14
N ASP B 55 -2.19 7.32 -4.19
CA ASP B 55 -2.16 6.24 -3.18
C ASP B 55 -2.08 6.85 -1.78
N LYS B 56 -3.05 6.50 -0.93
CA LYS B 56 -3.15 7.03 0.42
C LYS B 56 -3.19 5.91 1.43
N PHE B 57 -2.67 6.19 2.62
CA PHE B 57 -2.78 5.29 3.76
C PHE B 57 -3.37 6.02 4.95
N ILE B 58 -4.23 5.32 5.69
CA ILE B 58 -4.78 5.79 6.96
C ILE B 58 -4.49 4.72 8.00
N HIS B 59 -3.60 5.05 8.92
CA HIS B 59 -3.32 4.22 10.07
C HIS B 59 -4.19 4.74 11.21
N SER B 60 -5.08 3.89 11.73
CA SER B 60 -6.02 4.29 12.78
C SER B 60 -6.02 3.30 13.92
N LYS B 61 -6.20 3.82 15.14
CA LYS B 61 -6.28 2.98 16.34
C LYS B 61 -7.60 2.22 16.43
N HIS B 62 -7.64 1.27 17.35
CA HIS B 62 -8.85 0.51 17.69
C HIS B 62 -10.05 1.43 17.91
N ASN B 63 -11.20 1.03 17.37
CA ASN B 63 -12.49 1.70 17.60
C ASN B 63 -12.66 3.04 16.85
N VAL B 64 -11.70 3.41 16.01
CA VAL B 64 -11.83 4.61 15.17
C VAL B 64 -12.73 4.29 13.98
N ILE B 65 -13.57 5.25 13.65
CA ILE B 65 -14.39 5.22 12.45
C ILE B 65 -13.96 6.41 11.56
N ARG B 66 -13.87 6.17 10.26
CA ARG B 66 -13.64 7.21 9.27
C ARG B 66 -14.85 7.20 8.34
N GLY B 67 -15.41 8.37 8.06
CA GLY B 67 -16.52 8.50 7.09
C GLY B 67 -17.80 9.01 7.77
N ILE B 68 -18.92 9.04 7.07
CA ILE B 68 -19.10 8.60 5.67
C ILE B 68 -18.79 9.76 4.74
N HIS B 69 -17.81 9.61 3.84
CA HIS B 69 -17.37 10.67 2.93
C HIS B 69 -17.46 10.22 1.48
N GLY B 70 -17.84 11.14 0.59
CA GLY B 70 -17.77 10.91 -0.84
C GLY B 70 -17.94 12.18 -1.67
N ASP B 71 -17.98 12.01 -2.99
CA ASP B 71 -18.31 13.09 -3.93
C ASP B 71 -18.76 12.51 -5.28
N VAL B 72 -19.12 13.38 -6.24
CA VAL B 72 -19.70 12.94 -7.52
C VAL B 72 -18.67 12.66 -8.63
N LYS B 73 -17.38 12.80 -8.33
CA LYS B 73 -16.31 12.61 -9.32
C LYS B 73 -15.26 11.54 -8.98
N THR B 74 -14.97 11.34 -7.69
CA THR B 74 -13.83 10.51 -7.27
C THR B 74 -14.20 9.03 -7.16
N TYR B 75 -13.48 8.20 -7.91
CA TYR B 75 -13.55 6.74 -7.79
C TYR B 75 -12.44 6.33 -6.83
N LYS B 76 -12.73 5.36 -5.97
CA LYS B 76 -11.74 4.88 -5.00
C LYS B 76 -11.59 3.36 -5.09
N LEU B 77 -10.41 2.89 -4.71
CA LEU B 77 -10.13 1.47 -4.57
C LEU B 77 -9.56 1.26 -3.17
N ALA B 78 -10.26 0.50 -2.32
CA ALA B 78 -9.94 0.45 -0.88
C ALA B 78 -9.81 -0.96 -0.29
N THR B 79 -8.81 -1.14 0.58
CA THR B 79 -8.64 -2.38 1.32
C THR B 79 -7.90 -2.11 2.64
N CYS B 80 -7.65 -3.16 3.39
CA CYS B 80 -6.90 -3.09 4.64
C CYS B 80 -5.69 -4.00 4.53
N VAL B 81 -4.51 -3.42 4.74
CA VAL B 81 -3.22 -4.12 4.58
C VAL B 81 -2.54 -4.48 5.90
N TYR B 82 -3.13 -4.06 7.02
CA TYR B 82 -2.74 -4.56 8.33
C TYR B 82 -3.95 -4.46 9.26
N GLY B 83 -4.16 -5.51 10.06
CA GLY B 83 -5.28 -5.55 11.00
C GLY B 83 -6.59 -5.91 10.33
N GLU B 84 -7.68 -5.41 10.91
CA GLU B 84 -9.03 -5.73 10.44
C GLU B 84 -9.90 -4.50 10.45
N ILE B 85 -10.69 -4.32 9.40
CA ILE B 85 -11.70 -3.26 9.35
C ILE B 85 -13.05 -3.84 8.95
N HIS B 86 -14.09 -3.06 9.24
CA HIS B 86 -15.36 -3.22 8.57
C HIS B 86 -15.45 -2.05 7.59
N GLN B 87 -15.44 -2.39 6.29
CA GLN B 87 -15.49 -1.43 5.19
C GLN B 87 -16.92 -1.29 4.71
N VAL B 88 -17.39 -0.05 4.58
CA VAL B 88 -18.77 0.23 4.19
C VAL B 88 -18.81 1.15 2.97
N VAL B 89 -19.68 0.81 2.03
CA VAL B 89 -19.94 1.59 0.83
C VAL B 89 -21.42 1.94 0.80
N VAL B 90 -21.74 3.21 0.56
CA VAL B 90 -23.12 3.70 0.57
C VAL B 90 -23.43 4.38 -0.75
N ASP B 91 -24.49 3.94 -1.41
CA ASP B 91 -24.94 4.55 -2.67
C ASP B 91 -25.61 5.88 -2.32
N CYS B 92 -24.96 6.98 -2.67
CA CYS B 92 -25.48 8.33 -2.41
C CYS B 92 -25.87 9.08 -3.71
N ARG B 93 -26.21 8.35 -4.76
CA ARG B 93 -26.74 8.93 -5.99
C ARG B 93 -28.27 9.00 -5.82
N LYS B 94 -28.82 10.21 -5.68
CA LYS B 94 -30.25 10.42 -5.36
C LYS B 94 -31.25 9.75 -6.31
N ASP B 95 -30.89 9.65 -7.59
CA ASP B 95 -31.73 9.00 -8.61
C ASP B 95 -31.60 7.46 -8.71
N SER B 96 -30.69 6.86 -7.93
CA SER B 96 -30.44 5.42 -7.98
C SER B 96 -31.60 4.63 -7.33
N PRO B 97 -31.91 3.43 -7.88
CA PRO B 97 -32.90 2.57 -7.21
C PRO B 97 -32.43 2.02 -5.84
N THR B 98 -31.11 1.95 -5.62
CA THR B 98 -30.53 1.57 -4.34
C THR B 98 -29.95 2.77 -3.55
N TYR B 99 -30.54 3.95 -3.74
CA TYR B 99 -30.12 5.14 -3.00
C TYR B 99 -30.18 4.89 -1.48
N LEU B 100 -29.10 5.26 -0.80
CA LEU B 100 -28.90 5.05 0.65
C LEU B 100 -28.88 3.60 1.15
N LYS B 101 -28.83 2.63 0.23
CA LYS B 101 -28.52 1.26 0.59
C LYS B 101 -27.01 1.18 0.71
N TYR B 102 -26.55 0.21 1.50
CA TYR B 102 -25.12 0.02 1.73
C TYR B 102 -24.71 -1.43 1.57
N GLU B 103 -23.40 -1.62 1.47
CA GLU B 103 -22.80 -2.94 1.53
C GLU B 103 -21.58 -2.88 2.47
N LYS B 104 -21.42 -3.91 3.29
CA LYS B 104 -20.37 -3.97 4.29
C LYS B 104 -19.48 -5.17 4.00
N PHE B 105 -18.19 -5.00 4.25
CA PHE B 105 -17.19 -6.05 4.06
C PHE B 105 -16.25 -6.06 5.27
N ILE B 106 -16.01 -7.25 5.82
CA ILE B 106 -15.03 -7.44 6.88
C ILE B 106 -13.74 -7.81 6.18
N ILE B 107 -12.75 -6.93 6.23
CA ILE B 107 -11.51 -7.08 5.46
C ILE B 107 -10.35 -7.28 6.43
N ASN B 108 -9.61 -8.36 6.22
CA ASN B 108 -8.39 -8.67 6.97
C ASN B 108 -7.50 -9.54 6.09
N GLN B 109 -6.39 -10.05 6.62
CA GLN B 109 -5.44 -10.80 5.79
C GLN B 109 -5.98 -12.12 5.21
N ASP B 110 -6.98 -12.72 5.86
CA ASP B 110 -7.64 -13.93 5.35
C ASP B 110 -8.86 -13.65 4.47
N ASN B 111 -9.27 -12.39 4.38
CA ASN B 111 -10.39 -11.95 3.53
C ASN B 111 -9.99 -10.65 2.84
N GLN B 112 -9.10 -10.76 1.86
CA GLN B 112 -8.43 -9.59 1.27
C GLN B 112 -9.25 -8.98 0.11
N GLN B 113 -10.48 -8.60 0.41
CA GLN B 113 -11.33 -7.97 -0.58
C GLN B 113 -10.85 -6.52 -0.77
N ILE B 114 -10.87 -6.10 -2.03
CA ILE B 114 -10.47 -4.76 -2.42
C ILE B 114 -11.69 -4.20 -3.13
N ILE B 115 -12.20 -3.09 -2.62
CA ILE B 115 -13.49 -2.58 -3.04
C ILE B 115 -13.30 -1.38 -3.95
N LEU B 116 -13.83 -1.46 -5.17
CA LEU B 116 -13.90 -0.29 -6.05
C LEU B 116 -15.18 0.48 -5.73
N VAL B 117 -15.03 1.69 -5.21
CA VAL B 117 -16.14 2.53 -4.75
C VAL B 117 -16.35 3.62 -5.80
N PRO B 118 -17.45 3.54 -6.59
CA PRO B 118 -17.58 4.54 -7.66
C PRO B 118 -17.86 5.97 -7.19
N ALA B 119 -17.76 6.89 -8.14
CA ALA B 119 -18.20 8.27 -7.93
C ALA B 119 -19.67 8.29 -7.51
N GLY B 120 -20.00 9.19 -6.59
CA GLY B 120 -21.35 9.26 -6.02
C GLY B 120 -21.66 8.23 -4.95
N PHE B 121 -20.63 7.59 -4.38
CA PHE B 121 -20.79 6.68 -3.24
C PHE B 121 -20.09 7.24 -2.01
N GLY B 122 -20.69 7.05 -0.85
CA GLY B 122 -20.06 7.34 0.43
C GLY B 122 -19.14 6.19 0.82
N ASN B 123 -18.03 6.54 1.46
CA ASN B 123 -17.01 5.59 1.88
C ASN B 123 -16.80 5.70 3.39
N ALA B 124 -16.67 4.56 4.05
CA ALA B 124 -16.40 4.55 5.49
C ALA B 124 -15.77 3.25 5.94
N HIS B 125 -15.01 3.33 7.02
CA HIS B 125 -14.51 2.12 7.66
C HIS B 125 -14.36 2.27 9.16
N TYR B 126 -14.37 1.12 9.83
CA TYR B 126 -14.25 1.02 11.27
C TYR B 126 -13.18 -0.02 11.61
N VAL B 127 -12.34 0.29 12.61
CA VAL B 127 -11.22 -0.56 13.00
C VAL B 127 -11.59 -1.46 14.19
N THR B 128 -11.61 -2.77 13.96
CA THR B 128 -11.89 -3.77 15.01
C THR B 128 -10.63 -4.29 15.72
N SER B 129 -9.51 -4.36 14.99
CA SER B 129 -8.22 -4.81 15.55
C SER B 129 -7.60 -3.72 16.42
N GLU B 130 -6.45 -4.01 17.03
CA GLU B 130 -5.74 -3.06 17.91
C GLU B 130 -5.42 -1.76 17.17
N SER B 131 -4.89 -1.90 15.95
CA SER B 131 -4.84 -0.81 14.97
C SER B 131 -4.98 -1.40 13.57
N ALA B 132 -5.18 -0.53 12.59
CA ALA B 132 -5.27 -0.97 11.20
C ALA B 132 -4.67 0.04 10.24
N VAL B 133 -4.12 -0.47 9.13
CA VAL B 133 -3.66 0.37 8.04
C VAL B 133 -4.61 0.18 6.86
N TYR B 134 -5.29 1.27 6.52
CA TYR B 134 -6.23 1.36 5.41
C TYR B 134 -5.44 1.81 4.21
N TYR B 135 -5.63 1.15 3.07
CA TYR B 135 -4.97 1.54 1.82
C TYR B 135 -6.05 1.87 0.83
N TYR B 136 -5.97 3.05 0.20
CA TYR B 136 -6.83 3.32 -0.94
C TYR B 136 -6.23 4.16 -2.06
N LYS B 137 -6.65 3.84 -3.27
CA LYS B 137 -6.28 4.57 -4.48
C LYS B 137 -7.43 5.49 -4.88
N CYS B 138 -7.10 6.59 -5.55
CA CYS B 138 -8.10 7.57 -6.00
C CYS B 138 -7.95 7.84 -7.48
N ALA B 139 -9.08 7.95 -8.18
CA ALA B 139 -9.12 8.33 -9.58
C ALA B 139 -10.13 9.47 -9.73
N TYR B 140 -9.68 10.59 -10.29
CA TYR B 140 -10.51 11.80 -10.48
C TYR B 140 -10.08 12.61 -11.71
N GLN B 150 -19.42 17.12 -3.12
CA GLN B 150 -18.78 16.58 -1.92
C GLN B 150 -19.77 16.50 -0.75
N PHE B 151 -19.82 15.34 -0.10
CA PHE B 151 -20.81 15.07 0.95
C PHE B 151 -20.23 14.24 2.08
N THR B 152 -20.72 14.49 3.30
CA THR B 152 -20.37 13.71 4.49
C THR B 152 -21.64 13.37 5.26
N TYR B 153 -21.90 12.08 5.47
CA TYR B 153 -23.02 11.61 6.29
C TYR B 153 -22.52 11.08 7.63
N ALA B 154 -23.34 11.23 8.67
CA ALA B 154 -22.99 10.73 9.99
C ALA B 154 -22.90 9.20 9.95
N TRP B 155 -21.90 8.66 10.65
CA TRP B 155 -21.67 7.22 10.73
C TRP B 155 -22.94 6.41 11.09
N ASN B 156 -23.78 6.97 11.97
CA ASN B 156 -25.01 6.32 12.43
C ASN B 156 -26.30 6.96 11.92
N ASP B 157 -26.23 7.58 10.74
CA ASP B 157 -27.42 8.17 10.10
C ASP B 157 -28.53 7.13 10.01
N GLU B 158 -29.68 7.45 10.60
CA GLU B 158 -30.82 6.51 10.65
C GLU B 158 -31.36 6.09 9.28
N ARG B 159 -31.27 6.98 8.30
CA ARG B 159 -31.75 6.68 6.96
C ARG B 159 -30.94 5.56 6.28
N ILE B 160 -29.67 5.45 6.64
CA ILE B 160 -28.80 4.38 6.10
C ILE B 160 -28.91 3.16 7.01
N GLY B 161 -28.77 3.37 8.32
CA GLY B 161 -28.99 2.32 9.32
C GLY B 161 -27.93 1.23 9.29
N ILE B 162 -26.66 1.65 9.25
CA ILE B 162 -25.55 0.71 9.15
C ILE B 162 -25.38 -0.07 10.46
N ASP B 163 -25.29 -1.38 10.33
CA ASP B 163 -25.04 -2.26 11.47
C ASP B 163 -23.52 -2.28 11.76
N TRP B 164 -23.05 -1.29 12.51
CA TRP B 164 -21.65 -1.24 12.94
C TRP B 164 -21.48 -2.17 14.13
N PRO B 165 -20.26 -2.71 14.31
CA PRO B 165 -20.02 -3.60 15.45
C PRO B 165 -19.82 -2.88 16.80
N THR B 166 -20.07 -1.57 16.86
CA THR B 166 -20.11 -0.84 18.13
C THR B 166 -21.17 0.26 18.09
N ASN B 167 -21.54 0.75 19.27
CA ASN B 167 -22.38 1.94 19.44
C ASN B 167 -21.61 3.18 19.89
N SER B 168 -20.35 3.01 20.28
CA SER B 168 -19.53 4.12 20.77
C SER B 168 -18.14 4.12 20.12
N PRO B 169 -18.09 4.50 18.83
CA PRO B 169 -16.83 4.63 18.11
C PRO B 169 -16.12 5.94 18.41
N ILE B 170 -14.80 5.97 18.21
CA ILE B 170 -14.03 7.21 18.28
C ILE B 170 -14.25 7.97 16.97
N LEU B 171 -14.81 9.17 17.07
CA LEU B 171 -15.14 10.03 15.93
C LEU B 171 -14.24 11.27 15.83
N SER B 172 -13.60 11.64 16.95
CA SER B 172 -12.74 12.81 16.99
C SER B 172 -11.57 12.56 17.93
N GLU B 173 -10.59 13.45 17.89
CA GLU B 173 -9.45 13.41 18.82
C GLU B 173 -9.90 13.47 20.27
N ARG B 174 -10.84 14.37 20.57
CA ARG B 174 -11.39 14.53 21.93
C ARG B 174 -12.08 13.27 22.49
N ASP B 175 -12.65 12.44 21.62
CA ASP B 175 -13.23 11.15 22.05
C ASP B 175 -12.18 10.24 22.72
N ILE B 176 -10.90 10.42 22.38
CA ILE B 176 -9.77 9.86 23.16
C ILE B 176 -9.33 10.83 24.26
N2 GDD C . 0.23 -14.46 -5.68
C2 GDD C . 1.41 -13.81 -5.76
N1 GDD C . 1.43 -12.46 -5.92
N3 GDD C . 2.55 -14.54 -5.66
C4 GDD C . 3.78 -13.96 -5.73
C5 GDD C . 3.86 -12.50 -5.91
C6 GDD C . 2.59 -11.76 -6.00
O6 GDD C . 2.59 -10.51 -6.16
N7 GDD C . 5.17 -12.19 -5.94
C8 GDD C . 5.87 -13.35 -5.78
N9 GDD C . 5.02 -14.40 -5.67
C1' GDD C . 5.39 -15.83 -5.48
C2' GDD C . 6.49 -16.33 -6.40
O2' GDD C . 5.96 -16.82 -7.63
C3' GDD C . 7.17 -17.41 -5.57
O3' GDD C . 6.65 -18.71 -5.88
C4' GDD C . 6.85 -17.05 -4.12
O4' GDD C . 5.85 -16.03 -4.15
C5' GDD C . 8.07 -16.57 -3.35
O5' GDD C . 8.50 -15.32 -3.89
PA GDD C . 10.02 -14.83 -3.70
O1A GDD C . 10.50 -15.19 -2.32
O2A GDD C . 10.07 -13.39 -4.17
O3A GDD C . 10.77 -15.76 -4.78
PB GDD C . 12.36 -15.66 -5.07
O2B GDD C . 12.71 -16.76 -6.04
O3B GDD C . 12.68 -14.22 -5.44
O1B GDD C . 13.04 -16.01 -3.66
C11 GDD C . 14.42 -15.69 -3.41
O51 GDD C . 14.54 -14.72 -2.35
C51 GDD C . 14.19 -15.18 -1.03
C61 GDD C . 14.33 -14.02 -0.04
O6A GDD C . 13.56 -12.90 -0.50
C21 GDD C . 15.25 -16.93 -3.06
O21 GDD C . 16.62 -16.58 -3.16
C31 GDD C . 14.95 -17.48 -1.67
O31 GDD C . 15.86 -18.56 -1.38
C41 GDD C . 15.07 -16.36 -0.63
O41 GDD C . 14.69 -16.84 0.66
PB GDP D . -11.19 11.86 8.94
O1B GDP D . -12.65 11.98 8.56
O2B GDP D . -10.36 11.14 7.90
O3B GDP D . -10.96 11.38 10.35
O3A GDP D . -10.57 13.35 8.97
PA GDP D . -10.54 14.38 7.73
O1A GDP D . -11.18 15.67 8.18
O2A GDP D . -11.03 13.70 6.48
O5' GDP D . -8.96 14.65 7.55
C5' GDP D . -8.16 15.11 8.65
C4' GDP D . -7.10 16.11 8.18
O4' GDP D . -6.11 15.43 7.39
C3' GDP D . -7.69 17.23 7.32
O3' GDP D . -7.29 18.51 7.84
C2' GDP D . -7.13 16.98 5.93
O2' GDP D . -6.81 18.19 5.25
C1' GDP D . -5.88 16.15 6.18
N9 GDP D . -5.53 15.18 5.09
C8 GDP D . -6.37 14.39 4.37
N7 GDP D . -5.67 13.64 3.47
C5 GDP D . -4.37 13.96 3.60
C6 GDP D . -3.08 13.55 2.96
O6 GDP D . -3.08 12.70 2.05
N1 GDP D . -1.95 14.12 3.39
C2 GDP D . -1.93 15.05 4.38
N2 GDP D . -0.75 15.60 4.79
N3 GDP D . -3.06 15.46 5.02
C4 GDP D . -4.29 14.97 4.66
#